data_1NC0
#
_entry.id   1NC0
#
_entity_poly.entity_id   1
_entity_poly.type   'polyribonucleotide'
_entity_poly.pdbx_seq_one_letter_code
;GGUUCCCCUGCAUAAGGAGGAACC
;
_entity_poly.pdbx_strand_id   A
#
loop_
_chem_comp.id
_chem_comp.type
_chem_comp.name
_chem_comp.formula
A RNA linking ADENOSINE-5'-MONOPHOSPHATE 'C10 H14 N5 O7 P'
C RNA linking CYTIDINE-5'-MONOPHOSPHATE 'C9 H14 N3 O8 P'
G RNA linking GUANOSINE-5'-MONOPHOSPHATE 'C10 H14 N5 O8 P'
U RNA linking URIDINE-5'-MONOPHOSPHATE 'C9 H13 N2 O9 P'
#